data_8ESH
#
_entry.id   8ESH
#
_cell.length_a   147.373
_cell.length_b   147.373
_cell.length_c   147.373
_cell.angle_alpha   90.000
_cell.angle_beta   90.000
_cell.angle_gamma   90.000
#
_symmetry.space_group_name_H-M   'I 2 3'
#
loop_
_entity.id
_entity.type
_entity.pdbx_description
1 polymer HLA-A*02:01
2 polymer Beta-2-microglobulin
3 polymer 'CMV peptide'
4 water water
#
loop_
_entity_poly.entity_id
_entity_poly.type
_entity_poly.pdbx_seq_one_letter_code
_entity_poly.pdbx_strand_id
1 'polypeptide(L)'
;SHSMRYFDTSVSRPGRGEPRFISVGYVDDTQFVRFDSDAASQRMEPRAPWIEQEGPEYWDRNTRIFKTNSQTDRESLGNL
RGYYNQSEAGSHTLQSMYGCDVGSDWRFLRGYNQNAYDGKDYIALKEDLRSWTAADMAAQITKHKWEAAHVAEQDRAYLE
GTCVEWLRRYLENGKETLQRTDAPKTHMTHHAVSDHEATLRCWALSFYPAEITLTWQRDGEDQTQDTELVETRPAGDGTF
QKWAAVVVPSGQEQRYTCHVQHEGLPKPLTLRW
;
A
2 'polypeptide(L)'
;IQRTPKIQVYSRHPAENGKSNFLNCYVSGFHPSDIEVDLLKNGERIEKVEHSDLSFSKDWSFYLLYYTEFTPTEKDEYAC
RVNHVTLSQPKIVKWDRDM
;
B
3 'polypeptide(L)' ELNRKMIYM C
#
# COMPACT_ATOMS: atom_id res chain seq x y z
N SER A 1 -8.17 -18.20 -2.60
CA SER A 1 -7.31 -17.32 -1.82
C SER A 1 -7.75 -15.86 -1.82
N HIS A 2 -8.11 -15.43 -0.62
CA HIS A 2 -8.61 -14.11 -0.31
C HIS A 2 -8.07 -13.74 1.04
N SER A 3 -8.08 -12.43 1.32
CA SER A 3 -7.42 -11.94 2.50
C SER A 3 -8.18 -10.73 3.02
N MET A 4 -8.12 -10.55 4.31
CA MET A 4 -8.62 -9.32 4.92
C MET A 4 -7.49 -8.76 5.79
N ARG A 5 -7.26 -7.47 5.70
CA ARG A 5 -6.13 -6.84 6.40
C ARG A 5 -6.50 -5.46 6.90
N TYR A 6 -6.03 -5.16 8.10
CA TYR A 6 -6.09 -3.83 8.68
C TYR A 6 -4.66 -3.29 8.84
N PHE A 7 -4.42 -2.11 8.30
CA PHE A 7 -3.16 -1.40 8.47
C PHE A 7 -3.41 -0.23 9.42
N ASP A 8 -2.75 -0.25 10.58
CA ASP A 8 -2.99 0.76 11.60
C ASP A 8 -1.73 1.58 11.86
N THR A 9 -1.90 2.89 11.92
CA THR A 9 -0.82 3.83 12.20
C THR A 9 -1.21 4.76 13.34
N SER A 10 -0.26 4.99 14.24
CA SER A 10 -0.40 5.88 15.39
C SER A 10 0.86 6.72 15.47
N VAL A 11 0.71 8.04 15.33
CA VAL A 11 1.82 8.99 15.33
C VAL A 11 1.67 9.91 16.54
N SER A 12 2.65 9.89 17.42
CA SER A 12 2.61 10.75 18.62
C SER A 12 3.12 12.15 18.28
N ARG A 13 2.21 13.01 17.80
CA ARG A 13 2.48 14.44 17.68
C ARG A 13 2.66 15.11 19.05
N PRO A 14 3.87 15.56 19.41
CA PRO A 14 4.11 16.07 20.77
C PRO A 14 3.78 17.57 20.93
N GLY A 15 3.69 17.97 22.20
CA GLY A 15 3.45 19.35 22.62
C GLY A 15 2.15 20.03 22.20
N ARG A 16 1.86 20.03 20.90
CA ARG A 16 0.62 20.62 20.38
C ARG A 16 -0.10 19.57 19.52
N GLY A 17 -0.97 18.78 20.16
CA GLY A 17 -1.76 17.80 19.47
C GLY A 17 -1.92 16.49 20.23
N GLU A 18 -3.12 15.90 20.18
CA GLU A 18 -3.24 14.50 20.50
C GLU A 18 -2.59 13.70 19.38
N PRO A 19 -2.24 12.46 19.65
CA PRO A 19 -1.70 11.59 18.61
C PRO A 19 -2.67 11.48 17.44
N ARG A 20 -2.13 11.06 16.30
CA ARG A 20 -2.96 10.78 15.14
C ARG A 20 -3.15 9.26 15.04
N PHE A 21 -4.38 8.84 14.70
CA PHE A 21 -4.76 7.43 14.62
C PHE A 21 -5.46 7.16 13.30
N ILE A 22 -4.91 6.21 12.55
CA ILE A 22 -5.42 5.80 11.24
C ILE A 22 -5.64 4.30 11.31
N SER A 23 -6.72 3.81 10.70
CA SER A 23 -6.83 2.38 10.41
C SER A 23 -7.46 2.21 9.04
N VAL A 24 -6.81 1.44 8.17
CA VAL A 24 -7.32 1.18 6.83
C VAL A 24 -7.64 -0.30 6.72
N GLY A 25 -8.77 -0.63 6.12
CA GLY A 25 -9.23 -2.00 5.95
C GLY A 25 -9.25 -2.40 4.50
N TYR A 26 -8.71 -3.61 4.21
CA TYR A 26 -8.52 -4.10 2.86
C TYR A 26 -9.04 -5.53 2.72
N VAL A 27 -9.86 -5.76 1.70
CA VAL A 27 -10.16 -7.10 1.23
C VAL A 27 -9.41 -7.30 -0.07
N ASP A 28 -8.42 -8.20 -0.03
CA ASP A 28 -7.48 -8.41 -1.12
C ASP A 28 -6.81 -7.08 -1.41
N ASP A 29 -7.02 -6.53 -2.61
CA ASP A 29 -6.41 -5.27 -2.99
C ASP A 29 -7.40 -4.13 -3.08
N THR A 30 -8.51 -4.19 -2.33
CA THR A 30 -9.56 -3.19 -2.39
C THR A 30 -9.79 -2.58 -1.01
N GLN A 31 -9.66 -1.26 -0.91
CA GLN A 31 -9.91 -0.58 0.34
C GLN A 31 -11.40 -0.49 0.58
N PHE A 32 -11.85 -0.87 1.77
CA PHE A 32 -13.28 -0.86 2.09
C PHE A 32 -13.66 -0.04 3.31
N VAL A 33 -12.72 0.44 4.11
CA VAL A 33 -13.07 1.17 5.32
C VAL A 33 -11.88 2.01 5.72
N ARG A 34 -12.17 3.13 6.40
CA ARG A 34 -11.17 4.06 6.91
C ARG A 34 -11.66 4.61 8.24
N PHE A 35 -10.77 4.62 9.24
CA PHE A 35 -11.00 5.29 10.52
C PHE A 35 -9.88 6.29 10.72
N ASP A 36 -10.22 7.52 11.07
CA ASP A 36 -9.24 8.59 11.23
C ASP A 36 -9.58 9.47 12.43
N SER A 37 -8.64 9.56 13.37
CA SER A 37 -8.88 10.37 14.58
C SER A 37 -9.12 11.85 14.25
N ASP A 38 -8.45 12.37 13.21
CA ASP A 38 -8.54 13.79 12.83
C ASP A 38 -9.54 14.05 11.70
N ALA A 39 -10.36 13.08 11.34
CA ALA A 39 -11.42 13.35 10.38
C ALA A 39 -12.48 14.22 11.04
N ALA A 40 -12.99 15.19 10.26
CA ALA A 40 -14.17 15.94 10.67
C ALA A 40 -15.32 15.01 11.01
N ARG A 43 -16.72 9.48 13.00
CA ARG A 43 -17.19 8.12 12.75
C ARG A 43 -16.51 7.53 11.51
N MET A 44 -17.08 6.44 11.00
CA MET A 44 -16.50 5.65 9.93
C MET A 44 -16.92 6.20 8.56
N GLU A 45 -15.97 6.26 7.61
CA GLU A 45 -16.32 6.64 6.23
C GLU A 45 -16.19 5.43 5.29
N PRO A 46 -17.28 4.96 4.69
CA PRO A 46 -17.21 3.74 3.87
C PRO A 46 -16.42 4.00 2.60
N ARG A 47 -15.38 3.20 2.37
CA ARG A 47 -14.63 3.28 1.13
C ARG A 47 -15.18 2.34 0.05
N ALA A 48 -16.20 1.55 0.34
CA ALA A 48 -16.77 0.55 -0.56
C ALA A 48 -18.26 0.55 -0.38
N PRO A 49 -19.03 0.41 -1.47
CA PRO A 49 -20.48 0.45 -1.35
C PRO A 49 -21.03 -0.65 -0.47
N TRP A 50 -20.48 -1.86 -0.59
CA TRP A 50 -21.03 -2.98 0.14
C TRP A 50 -20.83 -2.89 1.65
N ILE A 51 -19.81 -2.17 2.11
CA ILE A 51 -19.72 -1.96 3.55
C ILE A 51 -20.81 -0.99 4.00
N GLU A 52 -21.23 -0.07 3.13
CA GLU A 52 -22.29 0.85 3.49
C GLU A 52 -23.63 0.13 3.64
N GLN A 53 -23.80 -1.00 2.94
CA GLN A 53 -24.99 -1.82 3.11
C GLN A 53 -25.13 -2.30 4.56
N GLU A 54 -24.04 -2.38 5.32
CA GLU A 54 -24.16 -2.74 6.73
C GLU A 54 -24.88 -1.63 7.49
N GLY A 55 -25.57 -2.02 8.56
CA GLY A 55 -26.41 -1.10 9.30
C GLY A 55 -25.63 0.03 9.92
N PRO A 56 -26.31 1.00 10.55
CA PRO A 56 -25.59 1.95 11.40
C PRO A 56 -25.05 1.34 12.68
N GLU A 57 -25.53 0.17 13.09
CA GLU A 57 -24.94 -0.45 14.28
C GLU A 57 -23.51 -0.92 14.00
N TYR A 58 -23.28 -1.44 12.80
CA TYR A 58 -21.93 -1.84 12.41
C TYR A 58 -20.98 -0.64 12.48
N TRP A 59 -21.42 0.52 11.97
CA TRP A 59 -20.57 1.71 11.93
C TRP A 59 -20.26 2.21 13.33
N ASP A 60 -21.22 2.07 14.26
CA ASP A 60 -21.01 2.56 15.63
C ASP A 60 -20.17 1.61 16.44
N ARG A 61 -20.39 0.30 16.30
CA ARG A 61 -19.54 -0.65 17.01
C ARG A 61 -18.10 -0.51 16.55
N ASN A 62 -17.85 -0.58 15.24
CA ASN A 62 -16.49 -0.49 14.73
C ASN A 62 -15.83 0.83 15.14
N THR A 63 -16.59 1.92 15.12
CA THR A 63 -16.08 3.20 15.59
C THR A 63 -15.70 3.18 17.06
N ARG A 64 -16.50 2.51 17.90
CA ARG A 64 -16.12 2.32 19.30
C ARG A 64 -14.86 1.48 19.42
N ILE A 65 -14.76 0.40 18.65
CA ILE A 65 -13.56 -0.41 18.70
C ILE A 65 -12.34 0.41 18.31
N PHE A 66 -12.40 1.08 17.14
CA PHE A 66 -11.30 1.94 16.70
C PHE A 66 -10.84 2.87 17.81
N LYS A 67 -11.77 3.52 18.47
CA LYS A 67 -11.44 4.50 19.53
C LYS A 67 -10.82 3.79 20.73
N THR A 68 -11.33 2.62 21.11
CA THR A 68 -10.68 1.86 22.17
C THR A 68 -9.26 1.49 21.79
N ASN A 69 -9.08 1.04 20.54
CA ASN A 69 -7.74 0.78 20.06
C ASN A 69 -6.87 2.01 20.10
N SER A 70 -7.42 3.18 19.73
CA SER A 70 -6.65 4.43 19.81
C SER A 70 -6.13 4.67 21.22
N GLN A 71 -7.00 4.48 22.20
CA GLN A 71 -6.58 4.69 23.58
C GLN A 71 -5.53 3.65 23.97
N THR A 72 -5.63 2.45 23.42
CA THR A 72 -4.61 1.45 23.73
C THR A 72 -3.27 1.81 23.10
N ASP A 73 -3.29 2.25 21.83
CA ASP A 73 -2.04 2.64 21.19
C ASP A 73 -1.41 3.81 21.92
N ARG A 74 -2.21 4.80 22.30
CA ARG A 74 -1.69 5.94 23.05
C ARG A 74 -0.94 5.49 24.29
N GLU A 75 -1.55 4.58 25.06
CA GLU A 75 -0.88 4.08 26.25
C GLU A 75 0.37 3.28 25.89
N SER A 76 0.33 2.56 24.77
CA SER A 76 1.48 1.79 24.33
C SER A 76 2.62 2.72 23.90
N LEU A 77 2.28 3.76 23.14
CA LEU A 77 3.28 4.75 22.73
C LEU A 77 4.00 5.34 23.94
N GLY A 78 3.25 5.69 24.99
CA GLY A 78 3.90 6.16 26.20
C GLY A 78 4.77 5.09 26.84
N ASN A 79 4.29 3.85 26.89
CA ASN A 79 5.12 2.79 27.43
C ASN A 79 6.38 2.61 26.60
N LEU A 80 6.24 2.64 25.26
CA LEU A 80 7.40 2.45 24.40
C LEU A 80 8.40 3.57 24.60
N ARG A 81 7.91 4.83 24.64
CA ARG A 81 8.75 5.98 24.97
C ARG A 81 9.53 5.73 26.27
N GLY A 82 8.92 5.01 27.21
CA GLY A 82 9.59 4.76 28.47
C GLY A 82 10.62 3.64 28.41
N TYR A 83 10.28 2.54 27.73
CA TYR A 83 11.22 1.42 27.67
C TYR A 83 12.57 1.88 27.14
N TYR A 84 12.55 2.68 26.08
CA TYR A 84 13.71 3.19 25.37
C TYR A 84 14.27 4.49 25.95
N ASN A 85 13.72 4.97 27.08
CA ASN A 85 14.18 6.21 27.73
C ASN A 85 14.24 7.35 26.72
N GLN A 86 13.15 7.56 26.00
CA GLN A 86 13.07 8.66 25.05
C GLN A 86 12.31 9.84 25.64
N SER A 87 12.44 10.99 24.99
CA SER A 87 11.82 12.22 25.44
C SER A 87 10.41 12.38 24.90
N GLU A 88 9.52 12.85 25.80
CA GLU A 88 8.16 13.21 25.42
C GLU A 88 8.11 14.31 24.36
N ALA A 89 9.24 14.94 24.03
CA ALA A 89 9.17 15.95 22.98
C ALA A 89 9.30 15.35 21.59
N GLY A 90 9.62 14.06 21.48
CA GLY A 90 9.75 13.44 20.19
C GLY A 90 8.44 12.95 19.61
N SER A 91 8.41 12.88 18.29
CA SER A 91 7.32 12.28 17.55
C SER A 91 7.68 10.84 17.21
N HIS A 92 6.82 9.90 17.60
CA HIS A 92 7.09 8.49 17.33
C HIS A 92 5.91 7.86 16.60
N THR A 93 6.21 6.74 15.92
CA THR A 93 5.26 6.07 15.04
C THR A 93 5.08 4.64 15.51
N LEU A 94 3.84 4.17 15.57
CA LEU A 94 3.55 2.82 16.01
C LEU A 94 2.60 2.18 15.02
N GLN A 95 3.08 1.17 14.31
CA GLN A 95 2.32 0.57 13.23
C GLN A 95 1.82 -0.81 13.61
N SER A 96 0.71 -1.18 13.01
CA SER A 96 0.09 -2.47 13.26
C SER A 96 -0.51 -2.98 11.97
N MET A 97 -0.41 -4.29 11.77
CA MET A 97 -0.95 -4.90 10.57
C MET A 97 -1.38 -6.30 10.96
N TYR A 98 -2.65 -6.62 10.75
CA TYR A 98 -3.20 -7.91 11.15
C TYR A 98 -4.26 -8.33 10.14
N GLY A 99 -4.69 -9.57 10.25
CA GLY A 99 -5.65 -10.08 9.30
C GLY A 99 -5.49 -11.56 9.05
N CYS A 100 -6.35 -12.06 8.17
CA CYS A 100 -6.43 -13.49 7.90
C CYS A 100 -6.47 -13.72 6.41
N ASP A 101 -5.93 -14.87 6.02
CA ASP A 101 -5.99 -15.39 4.65
C ASP A 101 -6.88 -16.62 4.64
N VAL A 102 -7.59 -16.84 3.53
CA VAL A 102 -8.35 -18.06 3.34
C VAL A 102 -7.91 -18.72 2.05
N GLY A 103 -8.10 -20.03 1.99
CA GLY A 103 -7.75 -20.81 0.81
C GLY A 103 -8.92 -20.90 -0.15
N SER A 104 -8.82 -21.85 -1.09
CA SER A 104 -9.81 -21.94 -2.15
C SER A 104 -11.20 -22.29 -1.61
N ASP A 105 -11.26 -22.92 -0.44
CA ASP A 105 -12.52 -23.32 0.18
C ASP A 105 -13.10 -22.24 1.06
N TRP A 106 -12.54 -21.03 1.01
CA TRP A 106 -12.90 -19.93 1.89
C TRP A 106 -12.74 -20.30 3.37
N ARG A 107 -11.82 -21.20 3.68
CA ARG A 107 -11.55 -21.63 5.05
C ARG A 107 -10.18 -21.13 5.50
N PHE A 108 -10.01 -21.05 6.81
CA PHE A 108 -8.86 -20.38 7.39
C PHE A 108 -7.56 -21.00 6.86
N LEU A 109 -6.67 -20.15 6.35
CA LEU A 109 -5.37 -20.62 5.91
C LEU A 109 -4.24 -20.05 6.73
N ARG A 110 -4.21 -18.73 6.95
CA ARG A 110 -3.15 -18.01 7.65
C ARG A 110 -3.77 -16.92 8.49
N GLY A 111 -3.11 -16.59 9.59
CA GLY A 111 -3.42 -15.38 10.34
C GLY A 111 -2.12 -14.68 10.70
N TYR A 112 -2.18 -13.36 10.84
CA TYR A 112 -0.96 -12.63 11.20
C TYR A 112 -1.28 -11.39 12.00
N ASN A 113 -0.37 -11.04 12.92
CA ASN A 113 -0.53 -9.81 13.71
C ASN A 113 0.84 -9.25 14.06
N GLN A 114 1.24 -8.18 13.37
CA GLN A 114 2.58 -7.63 13.50
C GLN A 114 2.55 -6.15 13.87
N ASN A 115 3.47 -5.78 14.75
CA ASN A 115 3.59 -4.41 15.21
C ASN A 115 5.02 -3.95 14.93
N ALA A 116 5.18 -2.71 14.41
CA ALA A 116 6.50 -2.08 14.23
C ALA A 116 6.55 -0.73 14.94
N TYR A 117 7.73 -0.40 15.50
CA TYR A 117 8.01 0.86 16.18
C TYR A 117 9.10 1.62 15.44
N ASP A 118 8.73 2.75 14.84
CA ASP A 118 9.68 3.66 14.18
C ASP A 118 10.37 2.97 13.02
N GLY A 119 9.59 2.21 12.25
CA GLY A 119 10.05 1.54 11.05
C GLY A 119 10.70 0.22 11.26
N LYS A 120 10.88 -0.22 12.51
CA LYS A 120 11.59 -1.44 12.81
C LYS A 120 10.62 -2.44 13.41
N ASP A 121 10.75 -3.70 13.01
CA ASP A 121 9.91 -4.76 13.53
C ASP A 121 10.07 -4.80 15.04
N TYR A 122 8.97 -4.63 15.76
CA TYR A 122 9.02 -4.62 17.22
C TYR A 122 8.59 -5.96 17.81
N ILE A 123 7.37 -6.41 17.50
CA ILE A 123 6.92 -7.72 17.99
C ILE A 123 5.92 -8.24 16.97
N ALA A 124 5.88 -9.56 16.80
CA ALA A 124 4.95 -10.16 15.85
C ALA A 124 4.44 -11.49 16.40
N LEU A 125 3.21 -11.81 16.07
CA LEU A 125 2.70 -13.13 16.41
C LEU A 125 3.34 -14.16 15.50
N LYS A 126 3.65 -15.33 16.04
CA LYS A 126 4.19 -16.43 15.25
C LYS A 126 3.16 -16.95 14.25
N GLU A 127 3.64 -17.71 13.26
CA GLU A 127 2.70 -18.28 12.31
C GLU A 127 1.67 -19.16 13.00
N ASP A 128 2.07 -19.85 14.08
CA ASP A 128 1.15 -20.74 14.78
C ASP A 128 0.12 -20.00 15.63
N LEU A 129 0.18 -18.65 15.65
CA LEU A 129 -0.68 -17.79 16.48
C LEU A 129 -0.70 -18.24 17.94
N ARG A 130 0.39 -18.88 18.40
CA ARG A 130 0.55 -19.34 19.77
C ARG A 130 1.54 -18.49 20.57
N SER A 131 2.67 -18.10 19.98
CA SER A 131 3.75 -17.36 20.68
C SER A 131 4.14 -16.12 19.90
N TRP A 132 5.04 -15.33 20.50
CA TRP A 132 5.45 -14.03 19.99
C TRP A 132 6.95 -14.01 19.67
N THR A 133 7.33 -13.05 18.84
CA THR A 133 8.71 -12.84 18.42
C THR A 133 9.09 -11.39 18.71
N ALA A 134 10.10 -11.19 19.55
CA ALA A 134 10.52 -9.85 19.94
C ALA A 134 11.81 -9.47 19.22
N ALA A 135 12.00 -8.18 18.98
CA ALA A 135 13.18 -7.75 18.25
C ALA A 135 14.32 -7.23 19.14
N ASP A 136 14.05 -6.82 20.39
CA ASP A 136 15.06 -6.27 21.29
C ASP A 136 14.54 -6.42 22.72
N MET A 137 15.20 -5.75 23.70
CA MET A 137 14.82 -5.93 25.11
C MET A 137 13.46 -5.32 25.43
N ALA A 138 13.17 -4.13 24.89
CA ALA A 138 11.84 -3.56 25.08
C ALA A 138 10.78 -4.54 24.60
N ALA A 139 10.89 -4.96 23.33
CA ALA A 139 9.98 -5.98 22.82
C ALA A 139 9.93 -7.19 23.73
N GLN A 140 11.08 -7.57 24.32
CA GLN A 140 11.09 -8.68 25.26
CA GLN A 140 11.09 -8.68 25.26
C GLN A 140 10.21 -8.38 26.48
N ILE A 141 10.17 -7.12 26.93
CA ILE A 141 9.25 -6.78 28.01
C ILE A 141 7.82 -6.96 27.56
N THR A 142 7.47 -6.41 26.38
CA THR A 142 6.12 -6.60 25.87
C THR A 142 5.78 -8.09 25.77
N LYS A 143 6.71 -8.89 25.23
CA LYS A 143 6.45 -10.31 25.10
C LYS A 143 6.15 -10.94 26.45
N HIS A 144 6.86 -10.53 27.50
CA HIS A 144 6.62 -11.17 28.79
C HIS A 144 5.29 -10.72 29.37
N LYS A 145 4.98 -9.44 29.23
CA LYS A 145 3.68 -8.90 29.63
C LYS A 145 2.55 -9.61 28.89
N TRP A 146 2.69 -9.73 27.56
CA TRP A 146 1.65 -10.33 26.75
C TRP A 146 1.54 -11.83 27.00
N GLU A 147 2.66 -12.51 27.23
CA GLU A 147 2.57 -13.91 27.58
C GLU A 147 1.85 -14.08 28.91
N ALA A 148 2.14 -13.20 29.87
CA ALA A 148 1.50 -13.28 31.19
C ALA A 148 0.00 -13.05 31.12
N ALA A 149 -0.48 -12.32 30.12
CA ALA A 149 -1.89 -12.01 29.99
C ALA A 149 -2.58 -12.93 28.99
N HIS A 150 -1.83 -13.79 28.31
CA HIS A 150 -2.42 -14.77 27.39
C HIS A 150 -3.13 -14.12 26.21
N VAL A 151 -2.62 -12.99 25.72
CA VAL A 151 -3.36 -12.29 24.67
C VAL A 151 -3.24 -12.96 23.31
N ALA A 152 -2.25 -13.83 23.10
CA ALA A 152 -2.19 -14.59 21.86
C ALA A 152 -3.40 -15.50 21.70
N GLU A 153 -4.05 -15.88 22.80
CA GLU A 153 -5.29 -16.64 22.69
C GLU A 153 -6.39 -15.80 22.05
N GLN A 154 -6.60 -14.59 22.54
CA GLN A 154 -7.65 -13.77 21.97
C GLN A 154 -7.34 -13.44 20.51
N ASP A 155 -6.09 -13.13 20.20
CA ASP A 155 -5.75 -12.78 18.83
C ASP A 155 -6.03 -13.95 17.88
N ARG A 156 -5.64 -15.17 18.28
CA ARG A 156 -5.95 -16.34 17.47
C ARG A 156 -7.46 -16.51 17.30
N ALA A 157 -8.20 -16.47 18.41
CA ALA A 157 -9.65 -16.46 18.33
C ALA A 157 -10.16 -15.52 17.25
N TYR A 158 -9.80 -14.24 17.33
CA TYR A 158 -10.28 -13.29 16.33
C TYR A 158 -9.88 -13.70 14.90
N LEU A 159 -8.62 -14.10 14.70
CA LEU A 159 -8.09 -14.31 13.35
C LEU A 159 -8.66 -15.56 12.69
N GLU A 160 -8.87 -16.61 13.47
CA GLU A 160 -9.48 -17.83 12.98
C GLU A 160 -11.00 -17.76 13.02
N GLY A 161 -11.58 -16.85 13.78
CA GLY A 161 -13.02 -16.80 13.94
C GLY A 161 -13.68 -15.58 13.32
N THR A 162 -13.73 -14.48 14.05
CA THR A 162 -14.36 -13.26 13.53
C THR A 162 -13.79 -12.85 12.19
N CYS A 163 -12.45 -12.84 12.10
CA CYS A 163 -11.77 -12.38 10.90
C CYS A 163 -12.23 -13.14 9.66
N VAL A 164 -12.34 -14.46 9.75
CA VAL A 164 -12.73 -15.25 8.58
C VAL A 164 -14.21 -15.08 8.29
N GLU A 165 -15.05 -15.12 9.32
CA GLU A 165 -16.48 -14.94 9.12
C GLU A 165 -16.79 -13.63 8.40
N TRP A 166 -16.19 -12.51 8.82
CA TRP A 166 -16.49 -11.24 8.18
C TRP A 166 -15.88 -11.13 6.80
N LEU A 167 -14.73 -11.76 6.57
CA LEU A 167 -14.17 -11.80 5.22
C LEU A 167 -15.13 -12.49 4.26
N ARG A 168 -15.65 -13.66 4.66
CA ARG A 168 -16.63 -14.37 3.83
CA ARG A 168 -16.63 -14.38 3.84
C ARG A 168 -17.84 -13.51 3.55
N ARG A 169 -18.37 -12.84 4.58
CA ARG A 169 -19.54 -12.00 4.39
C ARG A 169 -19.26 -10.90 3.38
N TYR A 170 -18.12 -10.20 3.48
CA TYR A 170 -17.81 -9.15 2.53
C TYR A 170 -17.62 -9.72 1.13
N LEU A 171 -17.00 -10.90 1.03
CA LEU A 171 -16.79 -11.50 -0.28
C LEU A 171 -18.13 -11.80 -0.97
N GLU A 172 -19.13 -12.24 -0.21
CA GLU A 172 -20.44 -12.50 -0.80
C GLU A 172 -21.17 -11.20 -1.08
N ASN A 173 -21.15 -10.26 -0.12
CA ASN A 173 -21.91 -9.02 -0.24
C ASN A 173 -21.33 -8.10 -1.31
N GLY A 174 -20.02 -8.06 -1.44
CA GLY A 174 -19.39 -7.20 -2.43
C GLY A 174 -18.83 -8.00 -3.59
N LYS A 175 -19.51 -9.12 -3.92
CA LYS A 175 -18.95 -10.06 -4.88
C LYS A 175 -18.59 -9.40 -6.20
N GLU A 176 -19.38 -8.43 -6.63
CA GLU A 176 -19.12 -7.85 -7.94
C GLU A 176 -17.81 -7.06 -7.96
N THR A 177 -17.42 -6.46 -6.83
CA THR A 177 -16.13 -5.76 -6.77
C THR A 177 -14.96 -6.66 -6.41
N LEU A 178 -15.17 -7.63 -5.51
CA LEU A 178 -14.09 -8.41 -4.94
C LEU A 178 -13.85 -9.75 -5.65
N GLN A 179 -14.89 -10.39 -6.17
CA GLN A 179 -14.72 -11.65 -6.89
C GLN A 179 -14.71 -11.38 -8.39
N ARG A 180 -13.68 -10.68 -8.83
CA ARG A 180 -13.58 -10.40 -10.25
C ARG A 180 -12.11 -10.24 -10.58
N THR A 181 -11.78 -10.42 -11.86
CA THR A 181 -10.41 -10.19 -12.29
C THR A 181 -10.47 -9.36 -13.57
N ASP A 182 -9.59 -8.37 -13.66
CA ASP A 182 -9.42 -7.54 -14.85
C ASP A 182 -8.07 -7.87 -15.46
N ALA A 183 -8.09 -8.53 -16.62
CA ALA A 183 -6.83 -8.97 -17.20
C ALA A 183 -6.04 -7.77 -17.71
N PRO A 184 -4.71 -7.79 -17.59
CA PRO A 184 -3.91 -6.63 -17.99
C PRO A 184 -3.93 -6.41 -19.49
N LYS A 185 -4.06 -5.16 -19.89
CA LYS A 185 -3.93 -4.74 -21.28
C LYS A 185 -2.48 -4.33 -21.50
N THR A 186 -1.78 -5.03 -22.39
CA THR A 186 -0.35 -4.84 -22.52
C THR A 186 -0.02 -4.09 -23.80
N HIS A 187 1.18 -3.51 -23.82
CA HIS A 187 1.79 -2.90 -24.99
C HIS A 187 3.23 -2.58 -24.67
N MET A 188 3.99 -2.27 -25.72
CA MET A 188 5.44 -2.11 -25.68
C MET A 188 5.92 -0.78 -26.26
N THR A 189 6.80 -0.12 -25.53
CA THR A 189 7.41 1.11 -26.00
C THR A 189 8.89 0.89 -26.30
N HIS A 190 9.49 1.87 -26.99
CA HIS A 190 10.87 1.80 -27.42
C HIS A 190 11.53 3.17 -27.24
N HIS A 191 12.76 3.15 -26.76
CA HIS A 191 13.51 4.37 -26.47
C HIS A 191 14.97 4.10 -26.78
N ALA A 192 15.51 4.88 -27.72
CA ALA A 192 16.92 4.74 -28.08
C ALA A 192 17.76 5.28 -26.95
N VAL A 193 18.88 4.63 -26.67
CA VAL A 193 19.86 5.15 -25.74
C VAL A 193 21.05 5.71 -26.48
N SER A 194 21.39 5.12 -27.61
CA SER A 194 22.58 5.46 -28.37
C SER A 194 22.44 4.80 -29.74
N ASP A 195 23.44 4.97 -30.58
CA ASP A 195 23.43 4.32 -31.88
C ASP A 195 23.35 2.80 -31.77
N HIS A 196 23.71 2.24 -30.63
CA HIS A 196 23.70 0.79 -30.56
C HIS A 196 23.43 0.29 -29.15
N GLU A 197 22.58 0.99 -28.42
CA GLU A 197 21.88 0.42 -27.29
C GLU A 197 20.50 1.05 -27.27
N ALA A 198 19.49 0.25 -26.96
CA ALA A 198 18.14 0.77 -26.83
C ALA A 198 17.44 0.16 -25.61
N THR A 199 16.31 0.77 -25.25
CA THR A 199 15.51 0.34 -24.11
C THR A 199 14.13 -0.07 -24.61
N LEU A 200 13.73 -1.30 -24.30
CA LEU A 200 12.36 -1.76 -24.50
C LEU A 200 11.65 -1.75 -23.17
N ARG A 201 10.43 -1.24 -23.16
CA ARG A 201 9.64 -1.16 -21.94
C ARG A 201 8.34 -1.89 -22.19
N CYS A 202 8.07 -2.88 -21.36
CA CYS A 202 6.89 -3.72 -21.44
C CYS A 202 5.84 -3.22 -20.44
N TRP A 203 4.63 -2.94 -20.93
CA TRP A 203 3.62 -2.26 -20.13
C TRP A 203 2.44 -3.16 -19.78
N ALA A 204 2.03 -3.13 -18.51
CA ALA A 204 0.77 -3.75 -18.08
C ALA A 204 -0.12 -2.68 -17.48
N LEU A 205 -1.34 -2.52 -18.03
CA LEU A 205 -2.26 -1.49 -17.55
C LEU A 205 -3.61 -2.08 -17.16
N SER A 206 -4.17 -1.50 -16.10
CA SER A 206 -5.58 -1.64 -15.78
C SER A 206 -5.95 -3.06 -15.38
N PHE A 207 -5.13 -3.66 -14.50
CA PHE A 207 -5.36 -5.04 -14.07
C PHE A 207 -5.80 -5.09 -12.61
N TYR A 208 -6.29 -6.26 -12.19
CA TYR A 208 -6.82 -6.49 -10.83
C TYR A 208 -7.01 -7.99 -10.67
N PRO A 209 -6.46 -8.60 -9.59
CA PRO A 209 -5.76 -8.02 -8.43
C PRO A 209 -4.40 -7.42 -8.79
N ALA A 210 -3.64 -6.94 -7.81
CA ALA A 210 -2.39 -6.24 -8.14
C ALA A 210 -1.26 -7.20 -8.51
N GLU A 211 -1.42 -8.49 -8.23
CA GLU A 211 -0.31 -9.42 -8.42
C GLU A 211 -0.12 -9.76 -9.89
N ILE A 212 1.13 -9.67 -10.34
CA ILE A 212 1.48 -9.83 -11.73
C ILE A 212 2.95 -10.20 -11.79
N THR A 213 3.35 -10.82 -12.88
CA THR A 213 4.72 -11.23 -13.09
C THR A 213 5.10 -10.84 -14.50
N LEU A 214 6.14 -10.03 -14.62
CA LEU A 214 6.59 -9.51 -15.90
C LEU A 214 8.02 -9.97 -16.06
N THR A 215 8.30 -10.77 -17.09
CA THR A 215 9.64 -11.29 -17.32
C THR A 215 10.03 -11.09 -18.77
N TRP A 216 11.32 -10.81 -18.97
CA TRP A 216 11.89 -10.62 -20.30
C TRP A 216 12.69 -11.85 -20.74
N GLN A 217 12.66 -12.12 -22.03
CA GLN A 217 13.32 -13.28 -22.64
C GLN A 217 14.16 -12.81 -23.81
N ARG A 218 15.39 -13.33 -23.89
CA ARG A 218 16.23 -13.10 -25.07
C ARG A 218 16.36 -14.41 -25.83
N ASP A 219 15.79 -14.45 -27.04
CA ASP A 219 15.74 -15.69 -27.82
C ASP A 219 15.10 -16.82 -26.99
N GLY A 220 14.09 -16.47 -26.18
CA GLY A 220 13.37 -17.43 -25.35
C GLY A 220 13.98 -17.76 -24.01
N GLU A 221 15.15 -17.22 -23.68
CA GLU A 221 15.82 -17.49 -22.42
CA GLU A 221 15.83 -17.49 -22.42
C GLU A 221 15.54 -16.38 -21.42
N ASP A 222 15.36 -16.75 -20.15
CA ASP A 222 15.04 -15.77 -19.14
C ASP A 222 16.16 -14.75 -19.01
N GLN A 223 15.78 -13.50 -18.77
CA GLN A 223 16.74 -12.42 -18.66
C GLN A 223 16.47 -11.69 -17.35
N THR A 224 17.49 -11.61 -16.50
CA THR A 224 17.44 -10.68 -15.38
C THR A 224 18.51 -9.62 -15.46
N GLN A 225 19.59 -9.86 -16.19
CA GLN A 225 20.60 -8.84 -16.46
C GLN A 225 20.00 -7.68 -17.23
N ASP A 226 20.38 -6.47 -16.86
CA ASP A 226 19.99 -5.25 -17.58
C ASP A 226 18.48 -5.07 -17.62
N THR A 227 17.77 -5.55 -16.60
CA THR A 227 16.33 -5.37 -16.45
C THR A 227 16.01 -4.45 -15.28
N GLU A 228 14.94 -3.69 -15.42
CA GLU A 228 14.38 -2.84 -14.38
C GLU A 228 12.88 -3.06 -14.25
N LEU A 229 12.40 -3.22 -13.00
CA LEU A 229 11.01 -3.55 -12.72
C LEU A 229 10.46 -2.58 -11.69
N VAL A 230 9.63 -1.60 -12.11
CA VAL A 230 9.11 -0.63 -11.15
C VAL A 230 7.99 -1.20 -10.29
N GLU A 231 7.79 -0.51 -9.16
CA GLU A 231 6.75 -0.86 -8.21
C GLU A 231 5.38 -0.70 -8.85
N THR A 232 4.54 -1.71 -8.64
CA THR A 232 3.15 -1.65 -9.04
C THR A 232 2.49 -0.41 -8.44
N ARG A 233 1.65 0.25 -9.23
CA ARG A 233 1.06 1.52 -8.86
C ARG A 233 -0.44 1.54 -9.13
N PRO A 234 -1.19 2.28 -8.33
CA PRO A 234 -2.65 2.34 -8.55
C PRO A 234 -3.06 3.40 -9.56
N ALA A 235 -4.04 3.04 -10.38
CA ALA A 235 -4.56 3.97 -11.37
C ALA A 235 -5.57 4.96 -10.80
N GLY A 236 -6.07 4.72 -9.58
CA GLY A 236 -7.17 5.48 -9.04
C GLY A 236 -8.53 4.84 -9.23
N ASP A 237 -8.69 3.98 -10.24
CA ASP A 237 -10.00 3.44 -10.60
C ASP A 237 -10.20 2.01 -10.08
N GLY A 238 -9.44 1.60 -9.06
CA GLY A 238 -9.50 0.24 -8.58
C GLY A 238 -8.63 -0.77 -9.30
N THR A 239 -7.97 -0.37 -10.40
CA THR A 239 -7.02 -1.20 -11.14
C THR A 239 -5.60 -0.68 -10.87
N PHE A 240 -4.63 -1.40 -11.42
CA PHE A 240 -3.21 -1.18 -11.15
C PHE A 240 -2.43 -1.10 -12.46
N GLN A 241 -1.24 -0.51 -12.41
CA GLN A 241 -0.34 -0.49 -13.56
C GLN A 241 1.04 -1.03 -13.17
N LYS A 242 1.77 -1.53 -14.17
CA LYS A 242 3.16 -1.90 -13.92
C LYS A 242 3.92 -2.01 -15.24
N TRP A 243 5.23 -1.81 -15.18
CA TRP A 243 6.07 -1.99 -16.35
C TRP A 243 7.43 -2.52 -15.96
N ALA A 244 8.10 -3.13 -16.95
CA ALA A 244 9.45 -3.68 -16.84
C ALA A 244 10.23 -3.29 -18.07
N ALA A 245 11.51 -2.96 -17.88
CA ALA A 245 12.34 -2.49 -18.99
C ALA A 245 13.60 -3.33 -19.11
N VAL A 246 14.13 -3.38 -20.33
CA VAL A 246 15.37 -4.10 -20.62
C VAL A 246 16.18 -3.25 -21.61
N VAL A 247 17.51 -3.23 -21.41
CA VAL A 247 18.47 -2.58 -22.31
C VAL A 247 18.96 -3.59 -23.35
N VAL A 248 18.64 -3.34 -24.62
CA VAL A 248 18.94 -4.25 -25.73
C VAL A 248 19.99 -3.65 -26.67
N PRO A 249 20.71 -4.46 -27.45
CA PRO A 249 21.52 -3.91 -28.54
C PRO A 249 20.67 -3.40 -29.70
N SER A 250 21.00 -2.21 -30.23
CA SER A 250 20.27 -1.69 -31.38
C SER A 250 20.30 -2.67 -32.56
N GLY A 251 19.12 -2.87 -33.15
CA GLY A 251 18.94 -3.85 -34.18
C GLY A 251 18.66 -5.25 -33.69
N GLN A 252 18.55 -5.47 -32.37
CA GLN A 252 18.18 -6.78 -31.85
C GLN A 252 16.90 -6.73 -31.03
N GLU A 253 16.11 -5.66 -31.23
CA GLU A 253 14.85 -5.50 -30.49
C GLU A 253 13.90 -6.66 -30.74
N GLN A 254 13.83 -7.18 -31.97
CA GLN A 254 12.92 -8.29 -32.23
C GLN A 254 13.31 -9.55 -31.47
N ARG A 255 14.59 -9.72 -31.14
CA ARG A 255 15.01 -10.92 -30.44
C ARG A 255 14.44 -11.01 -29.03
N TYR A 256 13.87 -9.93 -28.49
CA TYR A 256 13.40 -9.91 -27.10
C TYR A 256 11.88 -9.97 -27.03
N THR A 257 11.37 -10.76 -26.08
CA THR A 257 9.95 -10.91 -25.83
C THR A 257 9.64 -10.65 -24.36
N CYS A 258 8.47 -10.07 -24.12
CA CYS A 258 7.99 -9.85 -22.77
C CYS A 258 6.84 -10.80 -22.45
N HIS A 259 6.86 -11.37 -21.24
CA HIS A 259 5.87 -12.33 -20.76
C HIS A 259 5.13 -11.80 -19.53
N VAL A 260 3.81 -11.92 -19.56
CA VAL A 260 2.92 -11.36 -18.53
C VAL A 260 2.09 -12.48 -17.94
N GLN A 261 2.27 -12.76 -16.65
CA GLN A 261 1.51 -13.78 -15.95
C GLN A 261 0.57 -13.11 -14.97
N HIS A 262 -0.69 -13.51 -15.03
CA HIS A 262 -1.70 -12.85 -14.23
C HIS A 262 -2.85 -13.81 -14.01
N GLU A 263 -3.51 -13.61 -12.87
CA GLU A 263 -4.59 -14.49 -12.48
C GLU A 263 -5.67 -14.47 -13.55
N GLY A 264 -5.94 -13.30 -14.14
CA GLY A 264 -6.87 -13.20 -15.26
C GLY A 264 -6.35 -13.68 -16.60
N LEU A 265 -5.32 -14.52 -16.64
CA LEU A 265 -4.75 -14.99 -17.90
C LEU A 265 -4.54 -16.49 -17.83
N PRO A 266 -5.36 -17.29 -18.53
CA PRO A 266 -5.22 -18.75 -18.40
C PRO A 266 -3.83 -19.18 -18.82
N LYS A 267 -3.30 -18.52 -19.85
CA LYS A 267 -2.02 -18.65 -20.54
C LYS A 267 -1.31 -17.31 -20.48
N PRO A 268 -0.02 -17.30 -20.19
CA PRO A 268 0.70 -16.01 -20.14
C PRO A 268 0.70 -15.33 -21.50
N LEU A 269 0.72 -14.00 -21.48
CA LEU A 269 0.80 -13.20 -22.70
C LEU A 269 2.25 -13.02 -23.10
N THR A 270 2.49 -12.91 -24.40
CA THR A 270 3.81 -12.69 -24.97
C THR A 270 3.74 -11.46 -25.86
N LEU A 271 4.72 -10.58 -25.71
CA LEU A 271 4.76 -9.30 -26.42
C LEU A 271 6.04 -9.26 -27.25
N ARG A 272 5.91 -8.87 -28.51
CA ARG A 272 7.04 -8.76 -29.43
C ARG A 272 7.15 -7.33 -29.94
N TRP A 273 8.38 -6.93 -30.22
CA TRP A 273 8.58 -5.66 -30.93
C TRP A 273 9.06 -5.93 -32.35
N ILE B 1 14.16 4.32 12.00
CA ILE B 1 14.59 4.27 10.61
C ILE B 1 13.89 5.35 9.77
N GLN B 2 14.65 6.03 8.91
CA GLN B 2 14.10 6.97 7.94
C GLN B 2 14.27 6.43 6.53
N ARG B 3 13.31 6.73 5.66
CA ARG B 3 13.31 6.20 4.31
C ARG B 3 12.87 7.28 3.33
N THR B 4 13.64 7.48 2.27
CA THR B 4 13.34 8.51 1.30
C THR B 4 12.17 8.08 0.41
N PRO B 5 11.29 8.99 0.02
CA PRO B 5 10.18 8.60 -0.84
C PRO B 5 10.65 8.32 -2.24
N LYS B 6 9.95 7.38 -2.88
CA LYS B 6 10.03 7.15 -4.32
C LYS B 6 8.80 7.79 -4.90
N ILE B 7 8.88 8.33 -6.10
CA ILE B 7 7.81 9.10 -6.70
C ILE B 7 7.58 8.57 -8.10
N GLN B 8 6.32 8.50 -8.50
CA GLN B 8 5.92 8.09 -9.84
C GLN B 8 4.82 9.03 -10.31
N VAL B 9 5.05 9.70 -11.43
CA VAL B 9 4.08 10.62 -11.98
C VAL B 9 3.65 10.07 -13.31
N TYR B 10 2.34 9.97 -13.50
CA TYR B 10 1.76 9.20 -14.59
C TYR B 10 0.30 9.60 -14.69
N SER B 11 -0.40 9.05 -15.67
CA SER B 11 -1.81 9.34 -15.87
C SER B 11 -2.65 8.09 -15.59
N ARG B 12 -3.94 8.32 -15.27
CA ARG B 12 -4.86 7.21 -14.99
C ARG B 12 -5.15 6.40 -16.25
N HIS B 13 -5.21 7.04 -17.39
CA HIS B 13 -5.47 6.42 -18.68
C HIS B 13 -4.43 6.93 -19.66
N PRO B 14 -4.15 6.17 -20.73
CA PRO B 14 -3.20 6.66 -21.74
C PRO B 14 -3.54 8.09 -22.16
N ALA B 15 -2.54 8.96 -22.08
CA ALA B 15 -2.72 10.38 -22.38
C ALA B 15 -2.95 10.57 -23.89
N GLU B 16 -4.11 11.12 -24.24
CA GLU B 16 -4.46 11.44 -25.60
C GLU B 16 -5.03 12.86 -25.53
N ASN B 17 -4.37 13.82 -26.21
CA ASN B 17 -4.62 15.25 -25.98
C ASN B 17 -6.06 15.64 -26.29
N GLY B 18 -6.70 16.30 -25.33
CA GLY B 18 -8.07 16.75 -25.47
C GLY B 18 -9.06 15.98 -24.63
N LYS B 19 -8.76 14.73 -24.27
CA LYS B 19 -9.68 13.94 -23.46
C LYS B 19 -9.32 14.12 -21.99
N SER B 20 -10.35 14.28 -21.16
CA SER B 20 -10.11 14.46 -19.74
C SER B 20 -9.51 13.19 -19.12
N ASN B 21 -8.51 13.39 -18.27
CA ASN B 21 -7.75 12.32 -17.65
C ASN B 21 -7.42 12.74 -16.22
N PHE B 22 -6.63 11.90 -15.53
CA PHE B 22 -6.26 12.10 -14.14
C PHE B 22 -4.75 12.02 -14.02
N LEU B 23 -4.15 13.02 -13.35
CA LEU B 23 -2.72 13.03 -13.07
C LEU B 23 -2.49 12.43 -11.70
N ASN B 24 -1.66 11.40 -11.64
CA ASN B 24 -1.37 10.71 -10.40
C ASN B 24 0.05 10.99 -9.98
N CYS B 25 0.24 11.26 -8.69
CA CYS B 25 1.55 11.24 -8.08
C CYS B 25 1.51 10.22 -6.95
N TYR B 26 2.23 9.13 -7.11
CA TYR B 26 2.24 8.02 -6.15
C TYR B 26 3.57 8.10 -5.41
N VAL B 27 3.53 8.47 -4.15
CA VAL B 27 4.72 8.46 -3.32
C VAL B 27 4.70 7.22 -2.46
N SER B 28 5.83 6.51 -2.40
CA SER B 28 5.88 5.24 -1.70
C SER B 28 7.21 5.08 -0.98
N GLY B 29 7.26 4.04 -0.16
CA GLY B 29 8.48 3.63 0.51
C GLY B 29 9.08 4.63 1.48
N PHE B 30 8.30 5.57 2.00
CA PHE B 30 8.87 6.57 2.89
C PHE B 30 8.50 6.31 4.35
N HIS B 31 9.32 6.88 5.26
CA HIS B 31 9.05 6.72 6.67
C HIS B 31 9.90 7.72 7.45
N PRO B 32 9.31 8.58 8.31
CA PRO B 32 7.96 8.69 8.89
C PRO B 32 6.90 9.15 7.92
N SER B 33 5.63 9.09 8.34
CA SER B 33 4.51 9.28 7.43
C SER B 33 4.23 10.74 7.14
N ASP B 34 4.95 11.64 7.78
CA ASP B 34 4.73 13.05 7.57
C ASP B 34 5.39 13.44 6.26
N ILE B 35 4.62 14.03 5.35
CA ILE B 35 5.13 14.28 4.01
C ILE B 35 4.22 15.31 3.34
N GLU B 36 4.81 16.11 2.46
CA GLU B 36 4.09 17.18 1.80
C GLU B 36 4.30 17.05 0.30
N VAL B 37 3.19 17.03 -0.43
CA VAL B 37 3.13 16.71 -1.86
C VAL B 37 2.28 17.75 -2.55
N ASP B 38 2.75 18.25 -3.69
CA ASP B 38 2.02 19.22 -4.48
C ASP B 38 2.11 18.83 -5.95
N LEU B 39 1.04 19.10 -6.70
CA LEU B 39 1.01 18.86 -8.13
C LEU B 39 1.05 20.19 -8.88
N LEU B 40 1.97 20.28 -9.84
CA LEU B 40 2.35 21.53 -10.50
C LEU B 40 1.92 21.52 -11.97
N LYS B 41 1.23 22.57 -12.40
CA LYS B 41 0.95 22.85 -13.81
C LYS B 41 1.83 24.04 -14.23
N ASN B 42 2.90 23.73 -14.97
CA ASN B 42 3.85 24.73 -15.45
C ASN B 42 4.44 25.56 -14.31
N GLY B 43 4.75 24.89 -13.20
CA GLY B 43 5.29 25.55 -12.03
C GLY B 43 4.27 25.89 -10.96
N GLU B 44 3.00 26.02 -11.32
CA GLU B 44 1.95 26.54 -10.45
C GLU B 44 1.22 25.38 -9.80
N ARG B 45 1.07 25.42 -8.47
CA ARG B 45 0.32 24.40 -7.73
C ARG B 45 -1.13 24.32 -8.19
N ILE B 46 -1.67 23.06 -8.35
CA ILE B 46 -3.11 22.88 -8.61
C ILE B 46 -3.85 22.82 -7.29
N GLU B 47 -5.04 23.44 -7.27
CA GLU B 47 -5.81 23.50 -6.04
C GLU B 47 -6.61 22.23 -5.81
N LYS B 48 -7.47 21.88 -6.77
CA LYS B 48 -8.34 20.72 -6.65
C LYS B 48 -7.53 19.43 -6.74
N VAL B 49 -6.80 19.12 -5.67
CA VAL B 49 -6.03 17.88 -5.53
C VAL B 49 -6.57 17.07 -4.35
N GLU B 50 -6.85 15.80 -4.60
CA GLU B 50 -7.24 14.86 -3.55
C GLU B 50 -6.11 13.86 -3.28
N HIS B 51 -6.32 13.02 -2.27
CA HIS B 51 -5.32 12.01 -1.94
C HIS B 51 -5.97 10.87 -1.18
N SER B 52 -5.41 9.67 -1.34
CA SER B 52 -5.94 8.46 -0.74
C SER B 52 -5.60 8.44 0.77
N ASP B 53 -6.03 7.38 1.46
CA ASP B 53 -5.79 7.24 2.91
C ASP B 53 -4.44 6.59 3.20
N LEU B 54 -3.78 7.07 4.26
CA LEU B 54 -2.47 6.58 4.71
C LEU B 54 -2.45 5.07 4.93
N SER B 55 -1.62 4.37 4.15
CA SER B 55 -1.43 2.93 4.29
C SER B 55 0.07 2.65 4.25
N PHE B 56 0.48 1.37 4.27
CA PHE B 56 1.90 1.06 4.19
C PHE B 56 2.13 -0.36 3.68
N SER B 57 3.40 -0.66 3.38
CA SER B 57 3.75 -1.87 2.64
C SER B 57 4.33 -2.92 3.59
N LYS B 58 4.80 -4.03 3.03
CA LYS B 58 5.30 -5.17 3.83
C LYS B 58 6.50 -4.80 4.70
N ASP B 59 7.30 -3.83 4.27
CA ASP B 59 8.44 -3.34 5.03
C ASP B 59 8.09 -2.13 5.90
N TRP B 60 6.79 -1.88 6.11
CA TRP B 60 6.25 -0.84 6.97
C TRP B 60 6.34 0.57 6.38
N SER B 61 6.89 0.73 5.17
CA SER B 61 7.00 2.07 4.61
C SER B 61 5.66 2.52 4.04
N PHE B 62 5.40 3.83 4.13
CA PHE B 62 4.11 4.40 3.77
C PHE B 62 4.04 4.64 2.27
N TYR B 63 2.82 4.82 1.77
CA TYR B 63 2.56 5.17 0.39
C TYR B 63 1.23 5.92 0.34
N LEU B 64 1.16 6.92 -0.57
CA LEU B 64 -0.02 7.77 -0.79
C LEU B 64 -0.19 7.95 -2.27
N LEU B 65 -1.43 8.19 -2.72
CA LEU B 65 -1.65 8.61 -4.10
C LEU B 65 -2.30 9.98 -4.11
N TYR B 66 -1.71 10.92 -4.85
CA TYR B 66 -2.31 12.23 -5.06
C TYR B 66 -2.73 12.32 -6.52
N TYR B 67 -3.96 12.73 -6.76
CA TYR B 67 -4.54 12.73 -8.08
C TYR B 67 -5.35 14.00 -8.29
N THR B 68 -5.65 14.29 -9.55
CA THR B 68 -6.48 15.42 -9.93
C THR B 68 -6.91 15.23 -11.38
N GLU B 69 -8.10 15.69 -11.72
CA GLU B 69 -8.56 15.59 -13.09
C GLU B 69 -7.95 16.73 -13.90
N PHE B 70 -7.69 16.48 -15.19
CA PHE B 70 -7.20 17.55 -16.07
C PHE B 70 -7.46 17.12 -17.51
N THR B 71 -6.92 17.90 -18.46
CA THR B 71 -6.99 17.58 -19.88
C THR B 71 -5.58 17.71 -20.43
N PRO B 72 -5.00 16.64 -20.96
CA PRO B 72 -3.62 16.70 -21.41
C PRO B 72 -3.49 17.62 -22.62
N THR B 73 -2.54 18.56 -22.57
CA THR B 73 -2.22 19.35 -23.75
C THR B 73 -0.74 19.16 -24.05
N GLU B 74 -0.39 19.21 -25.33
CA GLU B 74 0.99 19.00 -25.73
C GLU B 74 1.91 20.14 -25.33
N LYS B 75 1.38 21.27 -24.85
CA LYS B 75 2.20 22.40 -24.45
C LYS B 75 2.47 22.44 -22.95
N ASP B 76 1.46 22.17 -22.12
CA ASP B 76 1.59 22.24 -20.66
C ASP B 76 2.51 21.15 -20.10
N GLU B 77 3.28 21.52 -19.09
CA GLU B 77 4.19 20.60 -18.40
C GLU B 77 3.69 20.36 -16.98
N TYR B 78 3.48 19.09 -16.63
CA TYR B 78 3.02 18.71 -15.32
C TYR B 78 4.16 18.07 -14.52
N ALA B 79 4.10 18.19 -13.19
CA ALA B 79 5.16 17.63 -12.34
C ALA B 79 4.63 17.42 -10.93
N CYS B 80 5.54 17.05 -10.03
CA CYS B 80 5.19 16.68 -8.66
C CYS B 80 6.29 17.10 -7.69
N ARG B 81 5.95 17.99 -6.74
CA ARG B 81 6.86 18.36 -5.66
C ARG B 81 6.58 17.57 -4.40
N VAL B 82 7.63 16.99 -3.85
CA VAL B 82 7.51 16.16 -2.68
C VAL B 82 8.57 16.63 -1.69
N ASN B 83 8.15 16.93 -0.48
CA ASN B 83 9.07 17.27 0.59
C ASN B 83 8.89 16.25 1.71
N HIS B 84 9.96 16.01 2.43
CA HIS B 84 10.03 14.94 3.41
C HIS B 84 11.27 15.19 4.23
N VAL B 85 11.26 14.70 5.48
CA VAL B 85 12.37 15.00 6.38
C VAL B 85 13.69 14.43 5.85
N THR B 86 13.62 13.43 4.97
CA THR B 86 14.82 12.81 4.43
C THR B 86 15.43 13.63 3.30
N LEU B 87 14.73 14.64 2.82
CA LEU B 87 15.20 15.46 1.72
C LEU B 87 15.62 16.82 2.25
N SER B 88 16.80 17.29 1.83
CA SER B 88 17.23 18.64 2.18
C SER B 88 16.51 19.69 1.35
N GLN B 89 15.91 19.30 0.23
CA GLN B 89 15.19 20.20 -0.67
CA GLN B 89 15.20 20.20 -0.69
C GLN B 89 14.07 19.47 -1.31
N PRO B 90 12.97 20.15 -1.70
CA PRO B 90 11.84 19.48 -2.32
C PRO B 90 12.27 18.85 -3.64
N LYS B 91 11.76 17.65 -3.88
CA LYS B 91 12.08 16.90 -5.07
C LYS B 91 11.01 17.15 -6.13
N ILE B 92 11.43 17.45 -7.34
CA ILE B 92 10.49 17.73 -8.41
C ILE B 92 10.67 16.64 -9.43
N VAL B 93 9.57 15.98 -9.77
CA VAL B 93 9.56 14.90 -10.72
C VAL B 93 8.58 15.29 -11.80
N LYS B 94 9.11 15.52 -12.99
CA LYS B 94 8.29 15.96 -14.10
C LYS B 94 7.48 14.79 -14.63
N TRP B 95 6.31 15.08 -15.14
CA TRP B 95 5.55 14.04 -15.82
C TRP B 95 6.28 13.64 -17.10
N ASP B 96 6.12 12.38 -17.49
CA ASP B 96 6.72 11.83 -18.70
C ASP B 96 5.68 10.88 -19.31
N ARG B 97 5.18 11.21 -20.51
CA ARG B 97 4.12 10.39 -21.08
C ARG B 97 4.59 8.98 -21.42
N ASP B 98 5.91 8.78 -21.53
CA ASP B 98 6.50 7.46 -21.71
C ASP B 98 7.02 6.88 -20.40
N MET B 99 7.76 7.70 -19.62
CA MET B 99 8.14 7.47 -18.20
C MET B 99 8.91 6.17 -17.91
N GLU C 1 -14.17 -6.17 9.80
CA GLU C 1 -14.54 -5.98 11.21
C GLU C 1 -13.29 -5.92 12.11
N LEU C 2 -13.08 -4.78 12.77
CA LEU C 2 -11.86 -4.57 13.54
C LEU C 2 -11.78 -5.54 14.70
N ASN C 3 -10.55 -5.90 15.05
CA ASN C 3 -10.25 -6.56 16.31
C ASN C 3 -10.09 -5.47 17.37
N ARG C 4 -10.37 -5.85 18.62
CA ARG C 4 -10.29 -4.96 19.77
C ARG C 4 -9.01 -5.28 20.52
N LYS C 5 -8.07 -4.34 20.56
CA LYS C 5 -6.83 -4.52 21.31
C LYS C 5 -7.04 -4.11 22.77
N MET C 6 -6.87 -5.07 23.68
CA MET C 6 -7.23 -4.91 25.09
C MET C 6 -6.03 -4.77 26.00
N ILE C 7 -4.82 -4.69 25.46
CA ILE C 7 -3.64 -4.75 26.30
C ILE C 7 -2.58 -3.80 25.74
N TYR C 8 -2.02 -3.00 26.64
CA TYR C 8 -0.96 -2.09 26.31
C TYR C 8 0.33 -2.85 26.07
N MET C 9 1.19 -2.24 25.28
CA MET C 9 2.51 -2.75 25.03
C MET C 9 3.37 -2.70 26.29
#